data_2XTT
#
_entry.id   2XTT
#
_cell.length_a   36.910
_cell.length_b   63.610
_cell.length_c   43.870
_cell.angle_alpha   90.00
_cell.angle_beta   93.85
_cell.angle_gamma   90.00
#
_symmetry.space_group_name_H-M   'P 1 21 1'
#
loop_
_entity.id
_entity.type
_entity.pdbx_description
1 polymer 'PROTEASE INHIBITOR SGPI-1'
2 polymer 'CATIONIC TRYPSIN'
3 non-polymer 'CALCIUM ION'
4 non-polymer 'ACETATE ION'
5 water water
#
loop_
_entity_poly.entity_id
_entity_poly.type
_entity_poly.pdbx_seq_one_letter_code
_entity_poly.pdbx_strand_id
1 'polypeptide(L)' EQECEPGQTKKQDCNTCRCGSDGVWACTRMGCPPHA A
2 'polypeptide(L)'
;IVGGYTCGANTVPYQVSLNSGYHFCGGSLINSQWVVSAAHCYKSGIQVRLGEDNINVVEGNEQFISASKSIVHPSYNSNT
LNNDIMLIKLKSAASLNSRVASISLPTSCASAGTQCLISGWGNTKSSGTSYPDVLKCLKAPILSDSSCKSAYPGQITSNM
FCAGYLEGGKDSCQGDSGGPVVCSGKLQGIVSWGSGCAQKNKPGVYTKVCNYVSWIKQTIASN
;
B
#
loop_
_chem_comp.id
_chem_comp.type
_chem_comp.name
_chem_comp.formula
ACT non-polymer 'ACETATE ION' 'C2 H3 O2 -1'
CA non-polymer 'CALCIUM ION' 'Ca 2'
#
# COMPACT_ATOMS: atom_id res chain seq x y z
N GLN A 2 -24.84 -9.22 11.40
CA GLN A 2 -23.57 -9.50 10.70
C GLN A 2 -23.92 -9.26 9.23
N GLU A 3 -22.93 -8.72 8.56
CA GLU A 3 -23.06 -8.44 7.15
C GLU A 3 -22.50 -9.63 6.42
N CYS A 4 -21.85 -10.50 7.23
CA CYS A 4 -21.42 -11.69 6.53
C CYS A 4 -21.24 -12.76 7.60
N GLU A 5 -21.16 -13.97 7.05
CA GLU A 5 -20.98 -15.11 7.90
C GLU A 5 -19.46 -15.34 7.98
N PRO A 6 -18.97 -15.42 9.15
CA PRO A 6 -17.52 -15.67 9.28
C PRO A 6 -16.94 -16.76 8.41
N GLY A 7 -15.84 -16.44 7.72
CA GLY A 7 -15.07 -17.33 6.86
C GLY A 7 -15.44 -17.26 5.38
N GLN A 8 -16.58 -16.61 5.09
CA GLN A 8 -16.94 -16.47 3.70
C GLN A 8 -15.98 -15.52 2.98
N THR A 9 -16.03 -15.60 1.66
CA THR A 9 -15.26 -14.72 0.79
C THR A 9 -16.17 -14.13 -0.26
N LYS A 10 -15.72 -12.96 -0.77
CA LYS A 10 -16.39 -12.41 -1.92
C LYS A 10 -15.39 -11.50 -2.63
N LYS A 11 -15.78 -10.99 -3.80
CA LYS A 11 -15.08 -9.91 -4.46
C LYS A 11 -15.93 -8.64 -4.40
N GLN A 12 -15.24 -7.55 -4.23
N GLN A 12 -15.24 -7.54 -4.23
CA GLN A 12 -15.70 -6.17 -4.37
CA GLN A 12 -15.87 -6.25 -4.55
C GLN A 12 -15.06 -5.70 -5.65
C GLN A 12 -15.04 -5.71 -5.69
N ASP A 13 -15.68 -5.78 -6.82
CA ASP A 13 -14.98 -5.45 -8.08
C ASP A 13 -13.82 -6.40 -8.16
N CYS A 14 -12.60 -5.89 -8.26
CA CYS A 14 -11.45 -6.74 -8.39
C CYS A 14 -10.73 -7.05 -7.08
N ASN A 15 -11.19 -6.50 -5.95
CA ASN A 15 -10.57 -6.82 -4.67
C ASN A 15 -11.22 -8.03 -4.02
N THR A 16 -10.37 -8.84 -3.45
CA THR A 16 -10.84 -9.95 -2.64
C THR A 16 -11.12 -9.49 -1.22
N CYS A 17 -12.15 -10.11 -0.64
CA CYS A 17 -12.67 -9.80 0.68
C CYS A 17 -12.82 -11.13 1.47
N ARG A 18 -12.65 -11.04 2.77
CA ARG A 18 -12.84 -12.14 3.69
C ARG A 18 -13.72 -11.66 4.85
N CYS A 19 -14.61 -12.51 5.31
CA CYS A 19 -15.50 -12.19 6.38
C CYS A 19 -14.84 -12.54 7.71
N GLY A 20 -14.61 -11.56 8.57
CA GLY A 20 -13.98 -11.93 9.80
C GLY A 20 -14.97 -12.58 10.78
N SER A 21 -14.44 -13.01 11.91
CA SER A 21 -15.26 -13.64 12.97
C SER A 21 -16.19 -12.65 13.63
N ASP A 22 -15.97 -11.35 13.43
CA ASP A 22 -16.83 -10.30 13.85
C ASP A 22 -18.00 -10.14 12.88
N GLY A 23 -18.05 -10.92 11.78
CA GLY A 23 -19.17 -10.73 10.86
C GLY A 23 -19.06 -9.50 10.00
N VAL A 24 -17.81 -9.02 9.81
CA VAL A 24 -17.55 -7.81 9.01
C VAL A 24 -16.59 -8.18 7.85
N TRP A 25 -16.88 -7.65 6.67
CA TRP A 25 -16.00 -7.86 5.55
C TRP A 25 -14.73 -7.03 5.72
N ALA A 26 -13.65 -7.55 5.21
CA ALA A 26 -12.42 -6.79 5.02
C ALA A 26 -11.88 -7.13 3.63
N CYS A 27 -11.41 -6.15 2.93
CA CYS A 27 -10.99 -6.27 1.52
C CYS A 27 -9.61 -5.63 1.32
N THR A 28 -8.94 -6.11 0.29
CA THR A 28 -7.74 -5.47 -0.17
C THR A 28 -8.08 -4.15 -0.82
N ARG A 29 -7.04 -3.33 -1.07
CA ARG A 29 -7.16 -1.95 -1.41
C ARG A 29 -6.59 -1.56 -2.81
N MET A 30 -6.72 -2.46 -3.79
CA MET A 30 -6.28 -2.12 -5.15
C MET A 30 -7.30 -1.37 -5.95
N GLY A 31 -6.81 -0.71 -6.99
CA GLY A 31 -7.68 -0.19 -8.08
C GLY A 31 -7.98 -1.21 -9.08
N CYS A 32 -9.05 -0.99 -9.87
CA CYS A 32 -9.62 -1.99 -10.73
C CYS A 32 -9.85 -1.46 -12.14
N PRO A 33 -10.02 -2.35 -13.11
CA PRO A 33 -10.28 -1.86 -14.49
C PRO A 33 -11.49 -0.99 -14.53
N PRO A 34 -11.51 0.00 -15.42
CA PRO A 34 -12.72 0.75 -15.61
C PRO A 34 -13.95 -0.09 -15.94
N HIS A 35 -15.14 0.36 -15.52
CA HIS A 35 -16.36 -0.37 -15.88
C HIS A 35 -16.70 -0.15 -17.35
N ALA A 36 -17.56 -1.01 -17.91
CA ALA A 36 -18.03 -0.87 -19.31
C ALA A 36 -18.78 0.48 -19.38
N ILE B 1 -6.92 7.67 -0.53
CA ILE B 1 -6.76 8.26 0.81
C ILE B 1 -8.01 9.05 1.16
N VAL B 2 -8.67 8.68 2.25
CA VAL B 2 -9.84 9.36 2.76
C VAL B 2 -9.39 10.30 3.90
N GLY B 3 -9.85 11.56 3.82
CA GLY B 3 -9.54 12.54 4.85
C GLY B 3 -8.16 13.10 4.80
N GLY B 4 -7.50 12.99 3.61
CA GLY B 4 -6.16 13.46 3.41
C GLY B 4 -6.09 14.82 2.78
N TYR B 5 -4.90 15.14 2.30
CA TYR B 5 -4.57 16.46 1.74
C TYR B 5 -3.73 16.30 0.53
N THR B 6 -3.70 17.32 -0.31
CA THR B 6 -2.83 17.29 -1.47
C THR B 6 -1.37 17.35 -1.05
N CYS B 7 -0.58 16.35 -1.43
CA CYS B 7 0.79 16.31 -0.96
C CYS B 7 1.57 17.51 -1.48
N GLY B 8 1.36 17.83 -2.74
CA GLY B 8 2.19 18.76 -3.49
C GLY B 8 3.13 18.02 -4.41
N ALA B 9 3.31 18.55 -5.61
CA ALA B 9 3.97 17.79 -6.66
C ALA B 9 5.36 17.39 -6.22
N ASN B 10 5.61 16.09 -6.34
CA ASN B 10 6.90 15.47 -6.13
C ASN B 10 7.42 15.67 -4.72
N THR B 11 6.58 15.95 -3.71
CA THR B 11 6.97 16.03 -2.33
C THR B 11 7.12 14.64 -1.66
N VAL B 12 6.70 13.61 -2.36
CA VAL B 12 6.79 12.22 -1.93
C VAL B 12 7.52 11.49 -3.07
N PRO B 13 8.81 11.78 -3.24
CA PRO B 13 9.48 11.44 -4.51
C PRO B 13 9.76 9.96 -4.69
N TYR B 14 9.55 9.17 -3.65
CA TYR B 14 9.65 7.73 -3.68
C TYR B 14 8.34 7.04 -4.03
N GLN B 15 7.24 7.77 -4.08
CA GLN B 15 5.92 7.18 -4.44
C GLN B 15 5.90 6.84 -5.90
N VAL B 16 5.57 5.60 -6.23
CA VAL B 16 5.33 5.19 -7.60
C VAL B 16 3.90 4.74 -7.78
N SER B 17 3.47 4.69 -9.04
CA SER B 17 2.21 4.10 -9.46
C SER B 17 2.55 2.84 -10.28
N LEU B 18 1.82 1.74 -9.98
CA LEU B 18 1.88 0.54 -10.79
C LEU B 18 0.71 0.59 -11.77
N ASN B 19 1.05 0.38 -13.05
CA ASN B 19 0.12 0.56 -14.15
C ASN B 19 0.05 -0.71 -15.00
N SER B 20 -1.22 -1.17 -15.19
N SER B 20 -1.21 -1.16 -15.21
CA SER B 20 -1.54 -2.33 -16.01
CA SER B 20 -1.44 -2.32 -16.07
C SER B 20 -2.48 -1.93 -17.13
C SER B 20 -2.46 -1.96 -17.13
N GLY B 21 -2.21 -0.80 -17.71
CA GLY B 21 -3.10 -0.10 -18.61
C GLY B 21 -3.86 0.98 -17.94
N TYR B 22 -3.86 1.03 -16.61
CA TYR B 22 -4.51 1.99 -15.72
C TYR B 22 -3.77 1.88 -14.37
N HIS B 23 -3.91 2.91 -13.57
CA HIS B 23 -3.31 2.89 -12.22
C HIS B 23 -4.08 1.88 -11.36
N PHE B 24 -3.34 0.97 -10.70
CA PHE B 24 -4.04 0.02 -9.82
C PHE B 24 -3.41 -0.14 -8.45
N CYS B 25 -2.18 0.28 -8.23
CA CYS B 25 -1.55 0.14 -6.93
C CYS B 25 -0.47 1.20 -6.82
N GLY B 26 -0.07 1.49 -5.60
CA GLY B 26 1.15 2.26 -5.35
C GLY B 26 2.33 1.34 -5.11
N GLY B 27 3.46 1.98 -4.84
CA GLY B 27 4.68 1.32 -4.47
C GLY B 27 5.66 2.38 -4.00
N SER B 28 6.83 1.89 -3.57
CA SER B 28 7.88 2.78 -3.02
C SER B 28 9.20 2.44 -3.63
N LEU B 29 9.89 3.45 -4.21
CA LEU B 29 11.23 3.24 -4.75
C LEU B 29 12.24 3.13 -3.60
N ILE B 30 12.96 2.01 -3.54
CA ILE B 30 13.93 1.81 -2.44
C ILE B 30 15.38 1.88 -2.90
N ASN B 31 15.62 1.82 -4.19
CA ASN B 31 16.90 2.17 -4.79
C ASN B 31 16.60 2.43 -6.28
N SER B 32 17.61 2.77 -7.07
CA SER B 32 17.31 3.16 -8.42
C SER B 32 16.71 2.04 -9.29
N GLN B 33 16.76 0.80 -8.86
N GLN B 33 16.82 0.79 -8.92
CA GLN B 33 16.19 -0.19 -9.73
CA GLN B 33 16.41 -0.41 -9.63
C GLN B 33 15.18 -1.13 -9.05
C GLN B 33 15.23 -1.17 -9.02
N TRP B 34 14.77 -0.80 -7.83
CA TRP B 34 13.86 -1.70 -7.08
C TRP B 34 12.76 -0.90 -6.38
N VAL B 35 11.56 -1.49 -6.46
CA VAL B 35 10.35 -0.97 -5.83
C VAL B 35 9.77 -2.00 -4.88
N VAL B 36 9.28 -1.54 -3.74
CA VAL B 36 8.50 -2.36 -2.81
C VAL B 36 7.03 -2.07 -2.97
N SER B 37 6.20 -3.10 -3.08
CA SER B 37 4.77 -2.94 -3.13
C SER B 37 4.15 -4.14 -2.40
N ALA B 38 2.83 -4.29 -2.54
CA ALA B 38 2.09 -5.39 -1.91
C ALA B 38 2.09 -6.59 -2.84
N ALA B 39 2.19 -7.82 -2.28
CA ALA B 39 2.05 -9.02 -3.06
C ALA B 39 0.70 -9.11 -3.75
N HIS B 40 -0.38 -8.62 -3.16
CA HIS B 40 -1.64 -8.73 -3.81
C HIS B 40 -1.74 -7.81 -5.01
N CYS B 41 -0.78 -6.90 -5.21
CA CYS B 41 -0.67 -6.08 -6.40
C CYS B 41 0.06 -6.78 -7.56
N TYR B 42 0.49 -8.04 -7.37
CA TYR B 42 1.19 -8.70 -8.48
C TYR B 42 0.32 -8.79 -9.71
N LYS B 43 0.92 -8.46 -10.85
N LYS B 43 0.92 -8.45 -10.84
CA LYS B 43 0.48 -8.82 -12.18
CA LYS B 43 0.47 -8.81 -12.18
C LYS B 43 1.72 -9.01 -13.01
C LYS B 43 1.73 -9.00 -13.01
N SER B 44 1.67 -9.84 -14.04
CA SER B 44 2.75 -9.81 -15.02
C SER B 44 2.62 -8.53 -15.87
N GLY B 45 3.72 -8.08 -16.42
CA GLY B 45 3.69 -6.97 -17.36
C GLY B 45 3.48 -5.60 -16.74
N ILE B 46 3.77 -5.40 -15.45
CA ILE B 46 3.58 -4.11 -14.83
C ILE B 46 4.50 -3.06 -15.46
N GLN B 47 3.93 -1.85 -15.62
CA GLN B 47 4.72 -0.63 -15.90
C GLN B 47 4.74 0.21 -14.64
N VAL B 48 5.94 0.55 -14.19
CA VAL B 48 6.11 1.44 -13.05
C VAL B 48 6.20 2.90 -13.51
N ARG B 49 5.45 3.76 -12.86
CA ARG B 49 5.44 5.18 -13.22
C ARG B 49 5.96 5.96 -12.01
N LEU B 50 7.13 6.58 -12.22
CA LEU B 50 7.87 7.35 -11.24
C LEU B 50 7.72 8.83 -11.53
N GLY B 51 7.89 9.68 -10.51
CA GLY B 51 7.82 11.10 -10.69
C GLY B 51 6.44 11.64 -10.93
N GLU B 52 5.41 10.88 -10.67
CA GLU B 52 4.05 11.33 -10.90
C GLU B 52 3.50 12.28 -9.82
N ASP B 53 2.70 13.25 -10.29
CA ASP B 53 1.80 14.01 -9.39
C ASP B 53 0.38 13.84 -9.88
N ASN B 54 0.04 14.52 -10.97
CA ASN B 54 -1.21 14.29 -11.64
C ASN B 54 -1.09 13.00 -12.44
N ILE B 55 -1.83 11.98 -12.04
CA ILE B 55 -1.64 10.65 -12.59
C ILE B 55 -2.31 10.61 -13.99
N ASN B 56 -3.07 11.63 -14.37
CA ASN B 56 -3.73 11.62 -15.66
C ASN B 56 -3.24 12.67 -16.63
N VAL B 57 -2.29 13.46 -16.28
CA VAL B 57 -1.69 14.48 -17.16
C VAL B 57 -0.19 14.23 -17.22
N VAL B 58 0.41 14.24 -18.42
CA VAL B 58 1.87 14.24 -18.55
C VAL B 58 2.39 15.63 -18.26
N GLU B 59 3.09 15.72 -17.11
CA GLU B 59 3.58 16.98 -16.63
C GLU B 59 5.08 17.25 -16.82
N GLY B 60 5.79 16.19 -17.12
CA GLY B 60 7.24 16.37 -17.22
C GLY B 60 8.05 15.93 -16.01
N ASN B 61 7.43 15.41 -14.99
CA ASN B 61 8.39 14.73 -14.03
C ASN B 61 8.58 13.24 -14.14
N GLU B 62 7.93 12.67 -15.14
CA GLU B 62 7.67 11.27 -15.14
C GLU B 62 8.77 10.41 -15.80
N GLN B 63 8.95 9.25 -15.24
CA GLN B 63 9.66 8.16 -15.89
C GLN B 63 8.76 6.92 -15.86
N PHE B 64 8.51 6.34 -17.01
CA PHE B 64 7.79 5.06 -17.12
C PHE B 64 8.82 3.98 -17.40
N ILE B 65 8.86 2.97 -16.58
CA ILE B 65 9.85 1.87 -16.72
C ILE B 65 9.13 0.59 -16.50
N SER B 66 9.26 -0.38 -17.42
CA SER B 66 8.67 -1.68 -17.23
C SER B 66 9.35 -2.44 -16.14
N ALA B 67 8.58 -3.27 -15.40
CA ALA B 67 9.18 -4.26 -14.52
C ALA B 67 9.87 -5.33 -15.35
N SER B 68 11.08 -5.70 -14.94
CA SER B 68 11.71 -6.90 -15.46
C SER B 68 11.50 -8.12 -14.60
N LYS B 69 11.26 -7.92 -13.29
CA LYS B 69 10.98 -9.01 -12.36
C LYS B 69 9.95 -8.45 -11.36
N SER B 70 8.93 -9.25 -11.05
CA SER B 70 7.96 -8.89 -10.03
C SER B 70 7.85 -10.08 -9.11
N ILE B 71 8.39 -9.96 -7.92
CA ILE B 71 8.71 -11.07 -7.02
C ILE B 71 7.87 -10.98 -5.76
N VAL B 72 6.82 -11.75 -5.68
N VAL B 72 6.82 -11.79 -5.71
CA VAL B 72 5.98 -11.93 -4.50
CA VAL B 72 6.06 -11.83 -4.47
C VAL B 72 6.75 -12.69 -3.45
C VAL B 72 6.79 -12.70 -3.45
N HIS B 73 6.60 -12.32 -2.19
CA HIS B 73 7.20 -13.12 -1.12
C HIS B 73 6.74 -14.56 -1.26
N PRO B 74 7.64 -15.53 -1.18
CA PRO B 74 7.20 -16.91 -1.31
C PRO B 74 6.18 -17.38 -0.29
N SER B 75 6.19 -16.82 0.85
CA SER B 75 5.22 -17.13 1.92
C SER B 75 4.00 -16.21 1.93
N TYR B 76 3.87 -15.35 0.94
CA TYR B 76 2.60 -14.65 0.77
C TYR B 76 1.47 -15.66 0.72
N ASN B 77 0.41 -15.41 1.44
CA ASN B 77 -0.73 -16.26 1.47
C ASN B 77 -1.95 -15.38 1.16
N SER B 78 -2.58 -15.58 0.00
CA SER B 78 -3.68 -14.74 -0.39
C SER B 78 -4.90 -14.99 0.48
N ASN B 79 -4.96 -16.10 1.21
CA ASN B 79 -6.08 -16.38 2.06
C ASN B 79 -6.07 -15.59 3.34
N THR B 80 -4.90 -15.27 3.88
CA THR B 80 -4.73 -14.54 5.11
C THR B 80 -4.12 -13.13 4.94
N LEU B 81 -3.55 -12.86 3.77
CA LEU B 81 -2.78 -11.69 3.45
C LEU B 81 -1.51 -11.57 4.24
N ASN B 82 -1.07 -12.67 4.87
CA ASN B 82 0.20 -12.66 5.54
C ASN B 82 1.33 -12.56 4.51
N ASN B 83 2.39 -11.83 4.89
CA ASN B 83 3.56 -11.61 4.02
C ASN B 83 3.18 -10.90 2.72
N ASP B 84 2.40 -9.85 2.86
CA ASP B 84 1.87 -9.10 1.70
C ASP B 84 2.91 -8.08 1.24
N ILE B 85 3.97 -8.61 0.63
CA ILE B 85 5.08 -7.79 0.12
C ILE B 85 5.58 -8.39 -1.19
N MET B 86 5.95 -7.49 -2.09
CA MET B 86 6.49 -7.80 -3.42
C MET B 86 7.61 -6.85 -3.72
N LEU B 87 8.63 -7.36 -4.38
CA LEU B 87 9.74 -6.55 -4.93
C LEU B 87 9.62 -6.53 -6.44
N ILE B 88 9.70 -5.34 -7.02
CA ILE B 88 9.75 -5.17 -8.45
C ILE B 88 11.12 -4.64 -8.84
N LYS B 89 11.79 -5.36 -9.74
CA LYS B 89 12.99 -4.88 -10.37
C LYS B 89 12.62 -4.15 -11.64
N LEU B 90 13.10 -2.95 -11.80
CA LEU B 90 12.91 -2.14 -13.01
C LEU B 90 13.83 -2.63 -14.11
N LYS B 91 13.34 -2.63 -15.35
N LYS B 91 13.35 -2.62 -15.35
CA LYS B 91 14.13 -3.13 -16.47
CA LYS B 91 14.15 -3.13 -16.47
C LYS B 91 15.43 -2.31 -16.66
C LYS B 91 15.46 -2.31 -16.63
N SER B 92 15.39 -1.04 -16.34
CA SER B 92 16.59 -0.18 -16.31
C SER B 92 16.42 0.72 -15.08
N ALA B 93 17.56 1.21 -14.59
CA ALA B 93 17.55 2.04 -13.40
C ALA B 93 16.83 3.36 -13.66
N ALA B 94 16.07 3.85 -12.69
CA ALA B 94 15.51 5.17 -12.76
C ALA B 94 16.64 6.18 -12.64
N SER B 95 16.47 7.32 -13.30
CA SER B 95 17.37 8.45 -13.10
C SER B 95 16.91 9.18 -11.88
N LEU B 96 17.74 9.30 -10.88
CA LEU B 96 17.36 9.90 -9.59
C LEU B 96 17.64 11.37 -9.63
N ASN B 97 16.70 12.13 -9.09
CA ASN B 97 16.75 13.58 -9.10
C ASN B 97 15.90 14.05 -7.91
N SER B 98 15.65 15.34 -7.84
CA SER B 98 14.89 15.84 -6.69
C SER B 98 13.48 15.35 -6.65
N ARG B 99 12.96 14.95 -7.83
CA ARG B 99 11.58 14.52 -8.01
C ARG B 99 11.41 12.98 -8.01
N VAL B 100 12.50 12.28 -8.18
CA VAL B 100 12.45 10.82 -8.19
C VAL B 100 13.60 10.41 -7.28
N ALA B 101 13.30 9.85 -6.10
CA ALA B 101 14.27 9.58 -5.08
C ALA B 101 13.84 8.33 -4.30
N SER B 102 14.80 7.60 -3.81
CA SER B 102 14.48 6.42 -3.00
C SER B 102 14.18 6.79 -1.57
N ILE B 103 13.54 5.86 -0.89
CA ILE B 103 13.26 5.91 0.56
C ILE B 103 14.01 4.78 1.20
N SER B 104 14.63 5.06 2.36
CA SER B 104 15.38 4.11 3.11
C SER B 104 14.48 3.05 3.74
N LEU B 105 15.05 1.84 3.86
CA LEU B 105 14.46 0.78 4.66
C LEU B 105 14.68 1.01 6.13
N PRO B 106 13.82 0.46 6.99
CA PRO B 106 13.98 0.68 8.43
C PRO B 106 15.17 -0.05 8.97
N THR B 107 15.67 0.47 10.07
CA THR B 107 16.68 -0.17 10.89
C THR B 107 16.08 -0.81 12.16
N SER B 108 14.88 -0.41 12.52
CA SER B 108 14.10 -1.04 13.55
C SER B 108 12.62 -0.82 13.25
N CYS B 109 11.82 -1.66 13.85
CA CYS B 109 10.39 -1.56 13.69
C CYS B 109 9.91 -0.30 14.39
N ALA B 110 8.80 0.20 13.87
CA ALA B 110 8.18 1.41 14.38
C ALA B 110 7.37 1.11 15.65
N SER B 111 7.28 2.15 16.46
CA SER B 111 6.55 2.10 17.72
C SER B 111 5.15 2.70 17.59
N ALA B 112 4.23 2.18 18.37
CA ALA B 112 2.91 2.79 18.49
C ALA B 112 3.09 4.24 18.87
N GLY B 113 2.29 5.10 18.28
CA GLY B 113 2.30 6.51 18.56
C GLY B 113 3.25 7.32 17.72
N THR B 114 4.03 6.73 16.88
CA THR B 114 4.83 7.50 15.91
C THR B 114 3.92 7.94 14.76
N GLN B 115 4.05 9.18 14.37
CA GLN B 115 3.32 9.70 13.21
C GLN B 115 3.98 9.28 11.93
N CYS B 116 3.18 8.85 10.97
CA CYS B 116 3.65 8.43 9.66
C CYS B 116 2.93 9.21 8.57
N LEU B 117 3.53 9.13 7.36
CA LEU B 117 2.94 9.72 6.16
C LEU B 117 2.54 8.56 5.23
N ILE B 118 1.27 8.54 4.89
CA ILE B 118 0.66 7.54 4.02
C ILE B 118 0.19 8.27 2.77
N SER B 119 0.40 7.70 1.58
CA SER B 119 0.10 8.44 0.38
C SER B 119 -0.42 7.54 -0.72
N GLY B 120 -1.15 8.13 -1.65
CA GLY B 120 -1.65 7.40 -2.81
C GLY B 120 -2.71 8.15 -3.57
N TRP B 121 -3.08 7.50 -4.68
CA TRP B 121 -4.08 7.97 -5.64
C TRP B 121 -5.41 7.26 -5.50
N GLY B 122 -5.64 6.60 -4.35
CA GLY B 122 -6.89 5.87 -4.15
C GLY B 122 -8.07 6.74 -3.83
N ASN B 123 -9.19 6.05 -3.64
CA ASN B 123 -10.48 6.66 -3.35
C ASN B 123 -10.37 7.59 -2.13
N THR B 124 -11.05 8.72 -2.24
CA THR B 124 -11.09 9.71 -1.19
C THR B 124 -12.41 9.72 -0.42
N LYS B 125 -13.33 8.82 -0.75
CA LYS B 125 -14.60 8.72 -0.04
C LYS B 125 -14.72 7.36 0.67
N SER B 126 -15.35 7.36 1.84
CA SER B 126 -15.71 6.16 2.58
C SER B 126 -17.03 5.57 2.15
N SER B 127 -17.81 6.36 1.48
CA SER B 127 -19.10 5.90 0.91
C SER B 127 -19.12 6.43 -0.53
N GLY B 128 -19.17 5.51 -1.46
CA GLY B 128 -19.12 5.93 -2.85
C GLY B 128 -17.68 6.05 -3.29
N THR B 129 -17.43 6.70 -4.43
CA THR B 129 -16.10 6.66 -4.95
C THR B 129 -15.78 8.01 -5.58
N SER B 130 -14.58 8.49 -5.32
CA SER B 130 -14.00 9.67 -5.94
C SER B 130 -12.48 9.51 -6.02
N TYR B 131 -11.93 9.45 -7.20
CA TYR B 131 -10.52 9.25 -7.37
C TYR B 131 -9.82 10.58 -7.71
N PRO B 132 -8.75 10.93 -7.01
CA PRO B 132 -8.13 12.23 -7.17
C PRO B 132 -7.23 12.25 -8.38
N ASP B 133 -6.99 13.40 -8.95
CA ASP B 133 -5.96 13.48 -10.00
C ASP B 133 -4.55 13.55 -9.45
N VAL B 134 -4.38 14.25 -8.33
CA VAL B 134 -3.05 14.42 -7.78
C VAL B 134 -2.88 13.55 -6.55
N LEU B 135 -1.58 13.38 -6.17
CA LEU B 135 -1.25 12.48 -5.07
C LEU B 135 -1.79 13.08 -3.74
N LYS B 136 -2.41 12.23 -2.94
CA LYS B 136 -2.93 12.60 -1.65
C LYS B 136 -2.09 11.97 -0.56
N CYS B 137 -2.10 12.66 0.59
CA CYS B 137 -1.27 12.37 1.74
C CYS B 137 -2.12 12.36 3.00
N LEU B 138 -1.67 11.60 3.98
CA LEU B 138 -2.33 11.51 5.26
C LEU B 138 -1.32 11.33 6.35
N LYS B 139 -1.35 12.15 7.40
N LYS B 139 -1.35 12.15 7.40
CA LYS B 139 -0.57 11.86 8.59
CA LYS B 139 -0.56 11.95 8.61
C LYS B 139 -1.41 10.99 9.53
C LYS B 139 -1.38 11.01 9.52
N ALA B 140 -0.80 9.91 9.95
CA ALA B 140 -1.52 8.92 10.73
C ALA B 140 -0.56 8.21 11.63
N PRO B 141 -0.94 7.94 12.89
CA PRO B 141 -0.03 7.28 13.82
C PRO B 141 -0.16 5.75 13.76
N ILE B 142 0.95 5.10 14.10
N ILE B 142 0.94 5.12 14.11
CA ILE B 142 0.97 3.68 14.36
CA ILE B 142 0.87 3.69 14.35
C ILE B 142 0.06 3.41 15.57
C ILE B 142 0.04 3.43 15.60
N LEU B 143 -0.83 2.44 15.49
CA LEU B 143 -1.69 2.05 16.61
C LEU B 143 -1.10 0.85 17.33
N SER B 144 -1.46 0.67 18.59
CA SER B 144 -1.01 -0.42 19.39
C SER B 144 -1.41 -1.77 18.74
N ASP B 145 -0.58 -2.75 18.93
CA ASP B 145 -0.89 -4.09 18.51
C ASP B 145 -2.17 -4.57 19.12
N SER B 146 -2.39 -4.25 20.39
N SER B 146 -2.36 -4.30 20.40
CA SER B 146 -3.60 -4.67 21.06
CA SER B 146 -3.57 -4.79 21.03
C SER B 146 -4.84 -4.12 20.35
C SER B 146 -4.80 -4.15 20.38
N SER B 147 -4.79 -2.82 20.07
CA SER B 147 -5.96 -2.21 19.44
C SER B 147 -6.17 -2.75 18.00
N CYS B 148 -5.07 -3.04 17.32
CA CYS B 148 -5.19 -3.61 15.98
C CYS B 148 -5.82 -4.99 16.02
N LYS B 149 -5.34 -5.85 16.91
CA LYS B 149 -5.90 -7.18 17.07
C LYS B 149 -7.36 -7.14 17.51
N SER B 150 -7.71 -6.22 18.37
N SER B 150 -7.70 -6.22 18.37
CA SER B 150 -9.08 -6.10 18.84
CA SER B 150 -9.06 -6.07 18.84
C SER B 150 -9.99 -5.69 17.68
C SER B 150 -9.97 -5.73 17.65
N ALA B 151 -9.50 -4.88 16.76
CA ALA B 151 -10.30 -4.43 15.64
C ALA B 151 -10.54 -5.48 14.58
N TYR B 152 -9.58 -6.38 14.46
CA TYR B 152 -9.56 -7.41 13.45
C TYR B 152 -9.30 -8.79 14.04
N PRO B 153 -10.23 -9.29 14.82
CA PRO B 153 -9.97 -10.50 15.63
C PRO B 153 -9.53 -11.67 14.77
N GLY B 154 -8.46 -12.30 15.22
CA GLY B 154 -7.91 -13.46 14.56
C GLY B 154 -7.26 -13.21 13.25
N GLN B 155 -7.08 -12.00 12.78
CA GLN B 155 -6.56 -11.71 11.43
C GLN B 155 -5.21 -11.00 11.41
N ILE B 156 -4.76 -10.45 12.53
CA ILE B 156 -3.52 -9.66 12.50
C ILE B 156 -2.38 -10.55 12.88
N THR B 157 -1.40 -10.72 11.95
CA THR B 157 -0.18 -11.49 12.21
C THR B 157 0.92 -10.56 12.66
N SER B 158 2.06 -11.18 13.00
CA SER B 158 3.23 -10.43 13.36
C SER B 158 3.80 -9.61 12.20
N ASN B 159 3.39 -9.86 11.02
CA ASN B 159 3.78 -9.13 9.81
C ASN B 159 2.82 -8.03 9.40
N MET B 160 1.96 -7.61 10.29
CA MET B 160 0.96 -6.57 10.02
C MET B 160 0.95 -5.57 11.17
N PHE B 161 0.60 -4.33 10.85
CA PHE B 161 0.28 -3.36 11.89
C PHE B 161 -0.86 -2.49 11.40
N CYS B 162 -1.50 -1.82 12.36
CA CYS B 162 -2.53 -0.89 12.06
C CYS B 162 -2.04 0.56 12.23
N ALA B 163 -2.55 1.45 11.42
CA ALA B 163 -2.26 2.86 11.56
C ALA B 163 -3.51 3.62 11.20
N GLY B 164 -3.68 4.79 11.79
CA GLY B 164 -4.86 5.59 11.54
C GLY B 164 -5.53 6.01 12.82
N TYR B 165 -6.85 6.00 12.79
CA TYR B 165 -7.67 6.64 13.80
C TYR B 165 -8.87 5.75 14.08
N LEU B 166 -8.97 5.31 15.33
CA LEU B 166 -10.13 4.46 15.70
C LEU B 166 -11.43 5.19 15.58
N GLU B 167 -11.43 6.52 15.66
CA GLU B 167 -12.68 7.27 15.52
C GLU B 167 -13.19 7.31 14.11
N GLY B 168 -12.41 6.92 13.14
CA GLY B 168 -12.75 6.89 11.75
C GLY B 168 -12.50 8.27 11.12
N GLY B 169 -12.73 8.35 9.82
CA GLY B 169 -12.64 9.55 9.05
C GLY B 169 -11.39 9.75 8.21
N LYS B 170 -10.30 9.08 8.53
CA LYS B 170 -8.99 9.25 7.91
C LYS B 170 -8.33 7.88 7.74
N ASP B 171 -8.01 7.50 6.48
CA ASP B 171 -7.51 6.17 6.20
C ASP B 171 -6.99 6.13 4.80
N SER B 172 -6.27 5.02 4.47
CA SER B 172 -6.06 4.68 3.08
C SER B 172 -7.32 3.94 2.55
N CYS B 173 -7.33 3.65 1.25
CA CYS B 173 -8.57 3.13 0.64
C CYS B 173 -8.22 2.49 -0.70
N GLN B 174 -9.24 1.95 -1.38
CA GLN B 174 -9.01 1.28 -2.67
C GLN B 174 -8.30 2.21 -3.64
N GLY B 175 -7.26 1.66 -4.24
CA GLY B 175 -6.36 2.37 -5.11
C GLY B 175 -5.07 2.78 -4.45
N ASP B 176 -4.99 2.65 -3.12
CA ASP B 176 -3.77 2.95 -2.38
C ASP B 176 -2.87 1.74 -2.11
N SER B 177 -3.40 0.53 -2.27
CA SER B 177 -2.64 -0.69 -2.01
C SER B 177 -1.25 -0.63 -2.59
N GLY B 178 -0.30 -1.13 -1.80
CA GLY B 178 1.09 -1.20 -2.23
C GLY B 178 1.88 0.03 -1.90
N GLY B 179 1.23 1.14 -1.63
CA GLY B 179 1.92 2.39 -1.37
C GLY B 179 2.52 2.48 0.03
N PRO B 180 3.24 3.57 0.24
CA PRO B 180 4.06 3.72 1.42
C PRO B 180 3.36 4.22 2.68
N VAL B 181 3.92 3.73 3.80
CA VAL B 181 3.76 4.32 5.12
C VAL B 181 5.16 4.63 5.59
N VAL B 182 5.51 5.92 5.69
CA VAL B 182 6.85 6.37 6.06
C VAL B 182 6.82 7.00 7.43
N CYS B 183 7.70 6.55 8.32
CA CYS B 183 7.75 7.02 9.69
C CYS B 183 9.21 7.21 10.05
N SER B 184 9.57 8.31 10.69
CA SER B 184 10.95 8.56 11.07
C SER B 184 11.85 8.46 9.87
N GLY B 185 11.36 8.87 8.68
CA GLY B 185 12.17 8.88 7.50
C GLY B 185 12.42 7.54 6.83
N LYS B 186 11.74 6.50 7.28
CA LYS B 186 11.95 5.14 6.81
C LYS B 186 10.64 4.53 6.32
N LEU B 187 10.74 3.63 5.37
CA LEU B 187 9.60 2.87 4.87
C LEU B 187 9.21 1.79 5.86
N GLN B 188 8.14 2.02 6.64
CA GLN B 188 7.72 1.08 7.65
C GLN B 188 6.53 0.23 7.20
N GLY B 189 5.69 0.70 6.29
CA GLY B 189 4.52 -0.04 5.93
C GLY B 189 4.19 0.00 4.46
N ILE B 190 3.32 -0.94 4.10
CA ILE B 190 2.75 -1.07 2.76
C ILE B 190 1.24 -1.14 2.89
N VAL B 191 0.51 -0.27 2.20
CA VAL B 191 -0.96 -0.31 2.23
C VAL B 191 -1.42 -1.72 1.80
N SER B 192 -2.25 -2.36 2.66
CA SER B 192 -2.65 -3.76 2.39
C SER B 192 -4.16 -3.92 2.40
N TRP B 193 -4.85 -3.76 3.55
CA TRP B 193 -6.27 -4.10 3.58
C TRP B 193 -6.96 -3.40 4.72
N GLY B 194 -8.28 -3.55 4.79
CA GLY B 194 -9.06 -3.03 5.91
C GLY B 194 -10.53 -3.31 5.68
N SER B 195 -11.34 -3.08 6.72
CA SER B 195 -12.80 -3.20 6.59
C SER B 195 -13.39 -1.85 6.14
N GLY B 196 -13.81 -1.77 4.88
CA GLY B 196 -14.21 -0.49 4.37
C GLY B 196 -13.05 0.46 4.32
N CYS B 197 -13.32 1.75 4.45
CA CYS B 197 -12.25 2.76 4.56
C CYS B 197 -12.71 3.78 5.57
N ALA B 198 -11.82 4.16 6.45
CA ALA B 198 -12.11 5.27 7.37
C ALA B 198 -13.30 4.98 8.29
N GLN B 199 -13.62 3.69 8.54
CA GLN B 199 -14.69 3.35 9.47
C GLN B 199 -14.23 3.31 10.89
N LYS B 200 -15.14 3.57 11.84
CA LYS B 200 -14.84 3.46 13.23
C LYS B 200 -14.37 2.09 13.61
N ASN B 201 -13.30 2.05 14.44
CA ASN B 201 -12.75 0.84 14.95
C ASN B 201 -12.27 -0.15 13.88
N LYS B 202 -11.94 0.42 12.70
CA LYS B 202 -11.49 -0.43 11.59
C LYS B 202 -10.34 0.36 10.90
N PRO B 203 -9.21 0.50 11.55
CA PRO B 203 -8.09 1.23 10.93
C PRO B 203 -7.50 0.44 9.80
N GLY B 204 -6.67 1.13 8.99
CA GLY B 204 -5.96 0.44 7.93
C GLY B 204 -4.97 -0.56 8.48
N VAL B 205 -4.79 -1.64 7.72
CA VAL B 205 -3.82 -2.69 8.03
C VAL B 205 -2.73 -2.65 6.97
N TYR B 206 -1.50 -2.73 7.43
CA TYR B 206 -0.31 -2.46 6.64
C TYR B 206 0.71 -3.57 6.85
N THR B 207 1.44 -3.92 5.78
CA THR B 207 2.52 -4.90 5.90
C THR B 207 3.68 -4.26 6.67
N LYS B 208 4.23 -5.02 7.62
CA LYS B 208 5.25 -4.54 8.52
C LYS B 208 6.65 -4.75 7.89
N VAL B 209 7.11 -3.71 7.17
CA VAL B 209 8.32 -3.78 6.37
C VAL B 209 9.54 -4.16 7.17
N CYS B 210 9.65 -3.73 8.42
CA CYS B 210 10.84 -4.01 9.20
C CYS B 210 11.12 -5.49 9.35
N ASN B 211 10.12 -6.35 9.20
CA ASN B 211 10.35 -7.79 9.27
C ASN B 211 10.99 -8.37 8.04
N TYR B 212 11.15 -7.58 6.99
CA TYR B 212 11.57 -8.08 5.70
C TYR B 212 12.87 -7.44 5.20
N VAL B 213 13.57 -6.70 6.05
CA VAL B 213 14.77 -6.02 5.56
C VAL B 213 15.79 -7.05 5.06
N SER B 214 16.05 -8.10 5.79
CA SER B 214 16.97 -9.09 5.31
C SER B 214 16.49 -9.78 4.05
N TRP B 215 15.22 -10.17 4.01
CA TRP B 215 14.64 -10.77 2.82
C TRP B 215 14.80 -9.88 1.61
N ILE B 216 14.54 -8.60 1.75
CA ILE B 216 14.68 -7.67 0.66
C ILE B 216 16.10 -7.65 0.18
N LYS B 217 17.06 -7.47 1.08
CA LYS B 217 18.45 -7.38 0.68
C LYS B 217 18.87 -8.67 0.02
N GLN B 218 18.47 -9.81 0.51
CA GLN B 218 18.88 -11.10 -0.05
C GLN B 218 18.26 -11.32 -1.44
N THR B 219 17.03 -10.89 -1.63
CA THR B 219 16.31 -11.06 -2.89
C THR B 219 16.93 -10.15 -3.94
N ILE B 220 17.25 -8.90 -3.57
CA ILE B 220 17.94 -8.00 -4.48
C ILE B 220 19.30 -8.60 -4.91
N ALA B 221 20.06 -9.09 -3.90
CA ALA B 221 21.39 -9.59 -4.18
C ALA B 221 21.42 -10.76 -5.13
N SER B 222 20.38 -11.57 -5.15
CA SER B 222 20.36 -12.77 -5.94
C SER B 222 19.67 -12.58 -7.25
N ASN B 223 19.12 -11.41 -7.56
CA ASN B 223 18.37 -11.11 -8.74
C ASN B 223 18.91 -9.92 -9.53
CA CA C . 1.57 12.67 -14.72
C ACT D . 7.00 -9.24 -16.24
O ACT D . 6.06 -9.30 -15.44
OXT ACT D . 6.89 -9.25 -17.52
CH3 ACT D . 8.37 -9.12 -15.63
#